data_5FRX
#
_entry.id   5FRX
#
_cell.length_a   46.241
_cell.length_b   70.470
_cell.length_c   105.236
_cell.angle_alpha   90.00
_cell.angle_beta   90.00
_cell.angle_gamma   90.00
#
_symmetry.space_group_name_H-M   'P 21 21 21'
#
loop_
_entity.id
_entity.type
_entity.pdbx_description
1 polymer 'Positive phenol-degradative gene regulator'
2 non-polymer 'ZINC ION'
3 non-polymer P-NITROPHENOL
4 water water
#
_entity_poly.entity_id   1
_entity_poly.type   'polypeptide(L)'
_entity_poly.pdbx_seq_one_letter_code
;MSSSTDNFSATMRDGLSNLARRLRFAMKEGSIWLGEQRMILLHTAALGALRKELVDTLGMERARGLFMRMGFHSGVRDAE
LAKTMRSGHSDFGMLEMGPCLHTIEGVVRVTPLTVDINIAAGVYHGEFLWEDSFEGDVHRQMFGVAQAPVCWMQIGYATG
YTSALMGKTILYRELECVGCGHPHCRILGKPLEQWEDGEAELALYQPDPVI
;
_entity_poly.pdbx_strand_id   A,B
#
# COMPACT_ATOMS: atom_id res chain seq x y z
N ARG A 13 -4.84 7.69 22.21
CA ARG A 13 -5.44 7.34 23.49
C ARG A 13 -4.89 6.01 24.00
N ASP A 14 -5.69 5.31 24.79
CA ASP A 14 -5.28 4.03 25.35
C ASP A 14 -5.29 2.93 24.29
N GLY A 15 -6.09 3.13 23.25
CA GLY A 15 -6.19 2.16 22.17
C GLY A 15 -5.18 2.42 21.06
N LEU A 16 -4.57 3.60 21.09
CA LEU A 16 -3.59 3.97 20.09
C LEU A 16 -2.18 4.00 20.67
N SER A 17 -2.05 4.57 21.86
CA SER A 17 -0.76 4.66 22.54
C SER A 17 -0.21 3.27 22.86
N ASN A 18 -1.10 2.33 23.13
CA ASN A 18 -0.71 0.96 23.45
C ASN A 18 -0.28 0.18 22.21
N LEU A 19 -1.05 0.33 21.13
CA LEU A 19 -0.75 -0.36 19.88
C LEU A 19 0.40 0.31 19.15
N ALA A 20 0.89 1.42 19.70
CA ALA A 20 2.00 2.16 19.10
C ALA A 20 3.33 1.45 19.35
N ARG A 21 3.41 0.71 20.45
CA ARG A 21 4.62 -0.02 20.80
C ARG A 21 4.91 -1.13 19.80
N ARG A 22 3.85 -1.65 19.19
CA ARG A 22 3.99 -2.73 18.20
C ARG A 22 4.43 -2.27 16.80
N LEU A 23 4.70 -0.97 16.66
CA LEU A 23 5.11 -0.39 15.39
C LEU A 23 6.55 0.11 15.45
N ARG A 24 7.42 -0.39 14.60
CA ARG A 24 8.80 0.07 14.63
C ARG A 24 9.35 0.25 13.22
N PHE A 25 9.99 1.41 13.02
CA PHE A 25 10.57 1.72 11.72
C PHE A 25 12.06 1.37 11.72
N ALA A 26 12.51 0.71 10.66
CA ALA A 26 13.91 0.30 10.60
C ALA A 26 14.56 0.77 9.33
N MET A 27 14.87 2.06 9.27
CA MET A 27 15.58 2.63 8.14
C MET A 27 16.93 1.95 7.94
N LYS A 28 17.38 1.24 8.98
CA LYS A 28 18.61 0.46 8.91
C LYS A 28 18.39 -0.85 8.17
N GLU A 29 17.12 -1.20 7.96
CA GLU A 29 16.79 -2.44 7.27
C GLU A 29 15.83 -2.17 6.11
N GLY A 30 15.59 -0.87 5.87
CA GLY A 30 14.58 -0.43 4.91
C GLY A 30 13.27 -1.18 5.08
N SER A 31 12.79 -1.31 6.31
CA SER A 31 11.57 -2.04 6.55
C SER A 31 10.74 -1.44 7.67
N ILE A 32 9.46 -1.82 7.66
CA ILE A 32 8.52 -1.39 8.69
C ILE A 32 7.73 -2.60 9.17
N TRP A 33 7.58 -2.71 10.48
CA TRP A 33 6.91 -3.86 11.06
C TRP A 33 5.81 -3.39 11.99
N LEU A 34 4.61 -3.90 11.75
CA LEU A 34 3.49 -3.73 12.67
C LEU A 34 3.22 -5.09 13.29
N GLY A 35 3.58 -5.25 14.56
CA GLY A 35 3.57 -6.58 15.16
C GLY A 35 4.56 -7.47 14.44
N GLU A 36 4.07 -8.56 13.86
CA GLU A 36 4.94 -9.48 13.16
C GLU A 36 4.83 -9.38 11.62
N GLN A 37 4.06 -8.42 11.16
CA GLN A 37 3.82 -8.27 9.74
C GLN A 37 4.59 -7.08 9.16
N ARG A 38 5.35 -7.35 8.12
CA ARG A 38 6.06 -6.31 7.42
C ARG A 38 5.10 -5.42 6.64
N MET A 39 5.36 -4.11 6.66
CA MET A 39 4.46 -3.12 6.05
C MET A 39 5.21 -2.23 5.06
N ILE A 40 4.48 -1.59 4.14
CA ILE A 40 5.05 -0.48 3.40
C ILE A 40 4.16 0.73 3.54
N LEU A 41 4.78 1.90 3.34
CA LEU A 41 4.04 3.13 3.18
C LEU A 41 3.83 3.31 1.70
N LEU A 42 2.58 3.37 1.31
CA LEU A 42 2.25 3.42 -0.10
C LEU A 42 1.47 4.70 -0.39
N HIS A 43 1.82 5.37 -1.49
CA HIS A 43 1.11 6.58 -1.89
C HIS A 43 -0.34 6.32 -2.30
N THR A 44 -1.28 7.00 -1.65
CA THR A 44 -2.69 6.80 -1.99
C THR A 44 -2.94 7.08 -3.46
N ALA A 45 -2.27 8.08 -3.99
CA ALA A 45 -2.35 8.40 -5.41
C ALA A 45 -1.94 7.22 -6.27
N ALA A 46 -0.95 6.46 -5.79
CA ALA A 46 -0.49 5.27 -6.49
C ALA A 46 -1.55 4.15 -6.45
N LEU A 47 -2.18 3.94 -5.30
CA LEU A 47 -3.24 2.94 -5.22
C LEU A 47 -4.50 3.39 -5.97
N GLY A 48 -4.72 4.71 -6.07
CA GLY A 48 -5.86 5.22 -6.81
C GLY A 48 -5.70 4.93 -8.29
N ALA A 49 -4.50 5.16 -8.78
CA ALA A 49 -4.15 4.86 -10.17
C ALA A 49 -4.30 3.38 -10.47
N LEU A 50 -3.90 2.52 -9.53
CA LEU A 50 -4.07 1.09 -9.74
C LEU A 50 -5.56 0.76 -9.79
N ARG A 51 -6.35 1.39 -8.92
CA ARG A 51 -7.81 1.18 -8.94
C ARG A 51 -8.46 1.55 -10.25
N LYS A 52 -8.03 2.64 -10.85
CA LYS A 52 -8.62 3.10 -12.09
C LYS A 52 -8.32 2.11 -13.21
N GLU A 53 -7.10 1.57 -13.21
CA GLU A 53 -6.73 0.60 -14.23
C GLU A 53 -7.48 -0.73 -14.04
N LEU A 54 -7.67 -1.16 -12.79
CA LEU A 54 -8.42 -2.39 -12.54
C LEU A 54 -9.92 -2.23 -12.82
N VAL A 55 -10.49 -1.09 -12.43
CA VAL A 55 -11.88 -0.80 -12.74
C VAL A 55 -12.06 -0.75 -14.27
N ASP A 56 -11.30 0.11 -14.92
CA ASP A 56 -11.37 0.25 -16.37
C ASP A 56 -11.13 -1.07 -17.10
N THR A 57 -10.29 -1.94 -16.53
CA THR A 57 -9.91 -3.17 -17.21
C THR A 57 -10.81 -4.36 -16.86
N LEU A 58 -11.09 -4.57 -15.58
CA LEU A 58 -11.85 -5.73 -15.15
C LEU A 58 -13.29 -5.35 -14.77
N GLY A 59 -13.61 -4.07 -14.90
CA GLY A 59 -14.93 -3.55 -14.54
C GLY A 59 -15.02 -3.12 -13.10
N MET A 60 -16.05 -2.37 -12.73
CA MET A 60 -16.18 -1.93 -11.34
C MET A 60 -16.40 -3.09 -10.35
N GLU A 61 -17.06 -4.16 -10.78
CA GLU A 61 -17.42 -5.27 -9.89
C GLU A 61 -16.26 -6.17 -9.49
N ARG A 62 -15.57 -6.68 -10.50
CA ARG A 62 -14.40 -7.49 -10.33
C ARG A 62 -13.32 -6.72 -9.55
N ALA A 63 -13.34 -5.40 -9.66
CA ALA A 63 -12.32 -4.56 -9.05
C ALA A 63 -12.59 -4.33 -7.58
N ARG A 64 -13.86 -4.10 -7.25
CA ARG A 64 -14.28 -3.94 -5.88
C ARG A 64 -13.99 -5.21 -5.08
N GLY A 65 -14.19 -6.35 -5.74
CA GLY A 65 -13.91 -7.63 -5.14
C GLY A 65 -12.46 -7.72 -4.72
N LEU A 66 -11.56 -7.41 -5.66
CA LEU A 66 -10.12 -7.45 -5.42
C LEU A 66 -9.70 -6.55 -4.25
N PHE A 67 -10.36 -5.41 -4.10
CA PHE A 67 -10.00 -4.46 -3.04
C PHE A 67 -10.56 -4.89 -1.70
N MET A 68 -11.76 -5.46 -1.73
CA MET A 68 -12.41 -5.96 -0.54
C MET A 68 -11.58 -7.07 0.06
N ARG A 69 -11.08 -7.97 -0.78
CA ARG A 69 -10.25 -9.08 -0.31
C ARG A 69 -8.88 -8.61 0.17
N MET A 70 -8.33 -7.57 -0.44
CA MET A 70 -7.03 -7.07 0.03
C MET A 70 -7.24 -6.52 1.44
N GLY A 71 -8.34 -5.79 1.61
CA GLY A 71 -8.77 -5.35 2.92
C GLY A 71 -9.01 -6.45 3.94
N PHE A 72 -9.67 -7.50 3.49
CA PHE A 72 -9.95 -8.65 4.33
C PHE A 72 -8.63 -9.21 4.89
N HIS A 73 -7.68 -9.46 4.00
CA HIS A 73 -6.40 -10.03 4.42
C HIS A 73 -5.70 -9.14 5.46
N SER A 74 -5.74 -7.84 5.22
CA SER A 74 -5.16 -6.89 6.15
C SER A 74 -5.83 -6.92 7.53
N GLY A 75 -7.16 -7.00 7.54
CA GLY A 75 -7.94 -7.04 8.76
C GLY A 75 -7.70 -8.30 9.57
N VAL A 76 -7.61 -9.44 8.88
CA VAL A 76 -7.24 -10.67 9.51
C VAL A 76 -5.85 -10.60 10.20
N ARG A 77 -4.83 -10.11 9.50
CA ARG A 77 -3.50 -10.09 10.09
C ARG A 77 -3.40 -9.22 11.34
N ASP A 78 -4.17 -8.13 11.35
CA ASP A 78 -4.23 -7.25 12.52
C ASP A 78 -5.03 -7.87 13.67
N ALA A 79 -6.02 -8.67 13.34
CA ALA A 79 -6.74 -9.45 14.35
C ALA A 79 -5.82 -10.45 15.05
N GLU A 80 -4.92 -11.06 14.28
CA GLU A 80 -3.92 -11.96 14.86
C GLU A 80 -3.09 -11.18 15.88
N LEU A 81 -2.60 -10.01 15.47
CA LEU A 81 -1.86 -9.14 16.39
C LEU A 81 -2.65 -8.81 17.65
N ALA A 82 -3.85 -8.26 17.47
CA ALA A 82 -4.73 -7.93 18.59
C ALA A 82 -4.85 -9.11 19.57
N LYS A 83 -5.05 -10.32 19.05
CA LYS A 83 -5.24 -11.52 19.90
C LYS A 83 -4.01 -11.90 20.75
N THR A 84 -2.83 -11.42 20.37
CA THR A 84 -1.66 -11.63 21.20
C THR A 84 -1.58 -10.58 22.32
N MET A 85 -2.49 -9.62 22.28
CA MET A 85 -2.56 -8.60 23.31
C MET A 85 -3.85 -8.72 24.10
N ARG A 86 -4.38 -9.95 24.20
CA ARG A 86 -5.63 -10.20 24.91
C ARG A 86 -5.61 -9.69 26.34
N SER A 87 -4.73 -10.28 27.16
CA SER A 87 -4.48 -9.81 28.51
C SER A 87 -5.74 -9.81 29.37
N GLY A 88 -6.09 -8.63 29.89
CA GLY A 88 -7.28 -8.45 30.69
C GLY A 88 -8.31 -7.55 30.03
N HIS A 89 -8.06 -7.21 28.77
CA HIS A 89 -9.01 -6.41 28.00
C HIS A 89 -10.29 -7.19 27.80
N SER A 90 -11.40 -6.49 27.74
CA SER A 90 -12.69 -7.13 27.48
C SER A 90 -12.83 -7.48 26.00
N ASP A 91 -13.94 -8.12 25.64
CA ASP A 91 -14.29 -8.29 24.24
C ASP A 91 -14.29 -6.93 23.54
N PHE A 92 -14.86 -5.92 24.18
CA PHE A 92 -14.93 -4.61 23.57
C PHE A 92 -13.56 -3.97 23.42
N GLY A 93 -12.71 -4.11 24.45
CA GLY A 93 -11.37 -3.57 24.39
C GLY A 93 -10.53 -4.31 23.35
N MET A 94 -10.95 -5.56 23.13
CA MET A 94 -10.40 -6.40 22.09
C MET A 94 -10.77 -5.81 20.72
N LEU A 95 -12.07 -5.66 20.54
CA LEU A 95 -12.67 -5.12 19.33
C LEU A 95 -12.04 -3.82 18.90
N GLU A 96 -11.79 -2.94 19.87
CA GLU A 96 -11.47 -1.56 19.55
C GLU A 96 -10.04 -1.43 18.99
N MET A 97 -9.22 -2.46 19.15
CA MET A 97 -7.91 -2.46 18.53
C MET A 97 -8.02 -2.38 16.99
N GLY A 98 -9.04 -3.03 16.43
CA GLY A 98 -9.32 -2.91 15.00
C GLY A 98 -9.42 -1.48 14.51
N PRO A 99 -10.39 -0.71 15.03
CA PRO A 99 -10.50 0.72 14.72
C PRO A 99 -9.21 1.47 14.96
N CYS A 100 -8.55 1.16 16.08
CA CYS A 100 -7.26 1.72 16.40
C CYS A 100 -6.22 1.46 15.32
N LEU A 101 -6.05 0.20 14.92
CA LEU A 101 -5.04 -0.15 13.93
C LEU A 101 -5.38 0.49 12.57
N HIS A 102 -6.65 0.53 12.24
CA HIS A 102 -7.07 1.16 11.04
C HIS A 102 -6.68 2.63 11.03
N THR A 103 -6.66 3.25 12.18
CA THR A 103 -6.30 4.68 12.24
C THR A 103 -4.79 4.85 12.13
N ILE A 104 -4.04 4.10 12.92
CA ILE A 104 -2.57 4.10 12.84
C ILE A 104 -2.07 3.85 11.42
N GLU A 105 -2.79 3.03 10.65
CA GLU A 105 -2.33 2.73 9.30
C GLU A 105 -2.62 3.84 8.30
N GLY A 106 -3.32 4.87 8.76
CA GLY A 106 -3.56 6.06 7.97
C GLY A 106 -4.67 5.86 6.93
N VAL A 107 -5.61 5.02 7.26
CA VAL A 107 -6.63 4.65 6.30
C VAL A 107 -7.87 5.53 6.50
N VAL A 108 -8.31 5.65 7.75
CA VAL A 108 -9.50 6.40 8.11
C VAL A 108 -9.42 6.75 9.59
N ARG A 109 -10.15 7.80 9.99
CA ARG A 109 -10.37 8.13 11.40
C ARG A 109 -11.64 7.42 11.81
N VAL A 110 -11.46 6.36 12.59
CA VAL A 110 -12.55 5.49 12.97
C VAL A 110 -13.15 6.00 14.26
N THR A 111 -14.48 6.04 14.31
CA THR A 111 -15.19 6.50 15.50
C THR A 111 -16.33 5.56 15.83
N PRO A 112 -16.13 4.69 16.85
CA PRO A 112 -17.14 3.69 17.24
C PRO A 112 -18.43 4.35 17.75
N LEU A 113 -19.56 4.04 17.14
CA LEU A 113 -20.83 4.68 17.50
C LEU A 113 -21.51 3.90 18.60
N THR A 114 -21.69 2.61 18.39
CA THR A 114 -22.11 1.73 19.48
C THR A 114 -21.76 0.28 19.17
N VAL A 115 -21.15 -0.39 20.14
CA VAL A 115 -20.73 -1.76 19.92
C VAL A 115 -21.27 -2.67 20.99
N ASP A 116 -21.94 -3.71 20.53
CA ASP A 116 -22.41 -4.79 21.37
C ASP A 116 -21.67 -6.03 20.91
N ILE A 117 -20.85 -6.60 21.79
CA ILE A 117 -20.02 -7.73 21.44
C ILE A 117 -19.87 -8.73 22.59
N ASN A 118 -20.25 -9.98 22.33
CA ASN A 118 -19.80 -11.10 23.14
C ASN A 118 -19.28 -12.20 22.20
N ILE A 119 -18.05 -12.63 22.45
CA ILE A 119 -17.32 -13.49 21.53
C ILE A 119 -17.71 -14.94 21.69
N ALA A 120 -17.72 -15.38 22.95
CA ALA A 120 -18.15 -16.71 23.35
C ALA A 120 -19.57 -17.04 22.89
N ALA A 121 -20.46 -16.03 22.86
CA ALA A 121 -21.87 -16.27 22.51
C ALA A 121 -22.13 -16.01 21.02
N GLY A 122 -21.11 -15.55 20.30
CA GLY A 122 -21.27 -15.31 18.89
C GLY A 122 -22.22 -14.14 18.65
N VAL A 123 -22.18 -13.17 19.56
CA VAL A 123 -23.00 -11.98 19.42
C VAL A 123 -22.17 -10.73 19.15
N TYR A 124 -22.44 -10.09 18.03
CA TYR A 124 -21.77 -8.84 17.66
C TYR A 124 -22.72 -7.96 16.87
N HIS A 125 -22.87 -6.73 17.30
CA HIS A 125 -23.60 -5.76 16.50
C HIS A 125 -22.91 -4.41 16.63
N GLY A 126 -22.27 -3.95 15.55
CA GLY A 126 -21.45 -2.74 15.60
C GLY A 126 -21.68 -1.69 14.51
N GLU A 127 -21.46 -0.44 14.89
CA GLU A 127 -21.71 0.71 14.03
C GLU A 127 -20.62 1.73 14.27
N PHE A 128 -20.08 2.24 13.19
CA PHE A 128 -18.94 3.13 13.31
C PHE A 128 -19.08 4.32 12.38
N LEU A 129 -18.48 5.43 12.78
CA LEU A 129 -18.29 6.58 11.92
C LEU A 129 -16.87 6.52 11.31
N TRP A 130 -16.74 6.92 10.05
CA TRP A 130 -15.44 7.01 9.36
C TRP A 130 -15.14 8.43 8.89
N GLU A 131 -14.17 9.08 9.52
CA GLU A 131 -13.80 10.42 9.07
C GLU A 131 -12.50 10.41 8.23
N ASP A 132 -12.48 11.21 7.19
CA ASP A 132 -11.35 11.29 6.29
C ASP A 132 -10.96 9.96 5.65
N SER A 133 -11.91 9.29 5.04
CA SER A 133 -11.63 8.02 4.39
C SER A 133 -10.68 8.26 3.28
N PHE A 134 -9.53 7.61 3.30
CA PHE A 134 -8.60 7.73 2.20
C PHE A 134 -9.31 7.28 0.94
N GLU A 135 -10.03 6.19 1.06
CA GLU A 135 -10.52 5.46 -0.10
C GLU A 135 -11.64 6.22 -0.82
N GLY A 136 -12.52 6.86 -0.05
CA GLY A 136 -13.52 7.73 -0.63
C GLY A 136 -12.84 8.91 -1.34
N ASP A 137 -12.00 9.62 -0.60
CA ASP A 137 -11.22 10.73 -1.13
C ASP A 137 -10.57 10.39 -2.47
N VAL A 138 -9.79 9.32 -2.49
CA VAL A 138 -9.09 8.90 -3.71
C VAL A 138 -10.06 8.65 -4.86
N HIS A 139 -11.22 8.04 -4.55
CA HIS A 139 -12.15 7.63 -5.60
C HIS A 139 -12.82 8.79 -6.31
N ARG A 140 -13.15 9.84 -5.58
CA ARG A 140 -13.78 11.01 -6.22
C ARG A 140 -12.77 11.74 -7.14
N GLN A 141 -11.49 11.75 -6.75
CA GLN A 141 -10.45 12.40 -7.56
C GLN A 141 -10.07 11.62 -8.82
N MET A 142 -10.52 10.37 -8.92
CA MET A 142 -10.19 9.53 -10.07
C MET A 142 -11.40 9.25 -10.97
N PHE A 143 -12.57 9.11 -10.36
CA PHE A 143 -13.81 8.79 -11.09
C PHE A 143 -14.82 9.92 -10.96
N GLY A 144 -14.62 10.82 -9.99
CA GLY A 144 -15.66 11.76 -9.61
C GLY A 144 -16.62 11.12 -8.62
N VAL A 145 -17.61 11.87 -8.15
CA VAL A 145 -18.56 11.36 -7.15
C VAL A 145 -19.25 10.10 -7.66
N ALA A 146 -19.55 9.19 -6.73
CA ALA A 146 -19.98 7.84 -7.09
C ALA A 146 -21.43 7.53 -6.73
N GLN A 147 -22.02 6.60 -7.48
CA GLN A 147 -23.37 6.16 -7.24
C GLN A 147 -23.49 5.42 -5.91
N ALA A 148 -22.61 4.45 -5.68
CA ALA A 148 -22.63 3.63 -4.46
C ALA A 148 -21.30 3.71 -3.70
N PRO A 149 -21.33 3.43 -2.39
CA PRO A 149 -20.13 3.47 -1.51
C PRO A 149 -18.88 2.84 -2.15
N VAL A 150 -17.72 3.43 -1.86
CA VAL A 150 -16.48 3.12 -2.58
C VAL A 150 -15.32 2.60 -1.70
N CYS A 151 -15.47 2.75 -0.39
CA CYS A 151 -14.47 2.26 0.57
C CYS A 151 -14.45 0.73 0.67
N TRP A 152 -14.11 0.09 -0.44
CA TRP A 152 -14.12 -1.35 -0.56
C TRP A 152 -13.08 -2.01 0.33
N MET A 153 -11.83 -1.56 0.18
CA MET A 153 -10.72 -2.05 0.98
C MET A 153 -10.96 -1.77 2.47
N GLN A 154 -11.53 -0.60 2.78
CA GLN A 154 -11.77 -0.26 4.17
C GLN A 154 -12.86 -1.14 4.78
N ILE A 155 -13.85 -1.49 3.99
CA ILE A 155 -14.92 -2.34 4.49
C ILE A 155 -14.42 -3.78 4.64
N GLY A 156 -13.63 -4.22 3.67
CA GLY A 156 -13.08 -5.56 3.70
C GLY A 156 -12.31 -5.74 4.99
N TYR A 157 -11.59 -4.69 5.40
CA TYR A 157 -10.79 -4.74 6.60
C TYR A 157 -11.68 -4.94 7.83
N ALA A 158 -12.73 -4.14 7.94
CA ALA A 158 -13.69 -4.30 9.03
C ALA A 158 -14.18 -5.75 9.10
N THR A 159 -14.68 -6.24 7.97
CA THR A 159 -15.12 -7.61 7.80
C THR A 159 -14.06 -8.63 8.18
N GLY A 160 -12.81 -8.39 7.78
CA GLY A 160 -11.74 -9.33 8.02
C GLY A 160 -11.33 -9.34 9.48
N TYR A 161 -11.08 -8.15 10.05
CA TYR A 161 -10.75 -8.04 11.46
C TYR A 161 -11.75 -8.71 12.40
N THR A 162 -13.04 -8.45 12.18
CA THR A 162 -14.06 -8.78 13.17
C THR A 162 -14.43 -10.22 13.07
N SER A 163 -14.41 -10.75 11.86
CA SER A 163 -14.60 -12.17 11.67
C SER A 163 -13.50 -12.92 12.39
N ALA A 164 -12.24 -12.56 12.12
CA ALA A 164 -11.10 -13.24 12.71
C ALA A 164 -11.21 -13.29 14.24
N LEU A 165 -11.56 -12.16 14.83
CA LEU A 165 -11.64 -12.04 16.28
C LEU A 165 -12.84 -12.81 16.87
N MET A 166 -13.93 -12.92 16.11
CA MET A 166 -15.11 -13.62 16.59
C MET A 166 -15.10 -15.10 16.19
N GLY A 167 -14.12 -15.49 15.38
CA GLY A 167 -14.13 -16.80 14.77
C GLY A 167 -15.43 -17.11 14.04
N LYS A 168 -16.13 -16.07 13.57
CA LYS A 168 -17.29 -16.25 12.71
C LYS A 168 -17.48 -15.05 11.82
N THR A 169 -18.06 -15.27 10.64
CA THR A 169 -18.19 -14.22 9.63
C THR A 169 -19.04 -13.00 10.05
N ILE A 170 -18.42 -11.83 10.08
CA ILE A 170 -19.14 -10.60 10.34
C ILE A 170 -19.01 -9.65 9.16
N LEU A 171 -20.06 -9.56 8.34
CA LEU A 171 -20.01 -8.67 7.18
C LEU A 171 -20.36 -7.25 7.57
N TYR A 172 -19.69 -6.27 6.95
CA TYR A 172 -20.07 -4.87 7.09
C TYR A 172 -20.58 -4.29 5.77
N ARG A 173 -21.43 -3.28 5.89
CA ARG A 173 -21.81 -2.46 4.75
C ARG A 173 -21.70 -1.00 5.14
N GLU A 174 -21.27 -0.18 4.18
CA GLU A 174 -21.30 1.28 4.32
C GLU A 174 -22.74 1.74 4.16
N LEU A 175 -23.26 2.43 5.15
CA LEU A 175 -24.62 2.98 5.05
C LEU A 175 -24.60 4.33 4.33
N GLU A 176 -23.60 5.15 4.65
CA GLU A 176 -23.38 6.42 3.97
C GLU A 176 -21.90 6.54 3.65
N CYS A 177 -21.57 7.22 2.56
CA CYS A 177 -20.19 7.22 2.08
C CYS A 177 -19.77 8.57 1.49
N VAL A 178 -18.58 9.03 1.88
CA VAL A 178 -18.03 10.25 1.32
C VAL A 178 -17.92 10.17 -0.20
N GLY A 179 -17.80 8.96 -0.71
CA GLY A 179 -17.66 8.78 -2.14
C GLY A 179 -18.92 9.17 -2.86
N CYS A 180 -20.05 9.14 -2.15
CA CYS A 180 -21.35 9.45 -2.75
C CYS A 180 -21.83 10.85 -2.38
N GLY A 181 -20.92 11.69 -1.92
CA GLY A 181 -21.28 13.07 -1.69
C GLY A 181 -21.52 13.35 -0.22
N HIS A 182 -21.86 12.31 0.52
CA HIS A 182 -22.10 12.46 1.93
C HIS A 182 -20.89 13.03 2.65
N PRO A 183 -21.11 13.57 3.85
CA PRO A 183 -20.08 14.29 4.60
C PRO A 183 -19.04 13.33 5.20
N HIS A 184 -19.44 12.08 5.41
CA HIS A 184 -18.56 11.07 5.97
C HIS A 184 -18.97 9.71 5.48
N CYS A 185 -18.36 8.67 6.02
CA CYS A 185 -18.84 7.31 5.80
C CYS A 185 -19.44 6.81 7.11
N ARG A 186 -20.28 5.79 7.01
CA ARG A 186 -20.94 5.23 8.17
C ARG A 186 -21.14 3.77 7.86
N ILE A 187 -20.84 2.89 8.82
CA ILE A 187 -20.88 1.46 8.57
C ILE A 187 -21.55 0.69 9.70
N LEU A 188 -22.11 -0.45 9.32
CA LEU A 188 -22.78 -1.34 10.26
C LEU A 188 -22.22 -2.75 10.09
N GLY A 189 -21.91 -3.39 11.21
CA GLY A 189 -21.36 -4.74 11.19
C GLY A 189 -22.19 -5.72 12.00
N LYS A 190 -22.46 -6.88 11.41
CA LYS A 190 -23.24 -7.88 12.08
C LYS A 190 -23.08 -9.23 11.39
N PRO A 191 -23.43 -10.33 12.10
CA PRO A 191 -23.19 -11.69 11.63
C PRO A 191 -23.83 -11.98 10.28
N LEU A 192 -23.21 -12.84 9.50
CA LEU A 192 -23.59 -13.06 8.11
C LEU A 192 -25.11 -13.24 7.92
N GLU A 193 -25.72 -14.16 8.69
CA GLU A 193 -27.14 -14.49 8.53
C GLU A 193 -28.10 -13.35 8.90
N GLN A 194 -27.68 -12.47 9.83
CA GLN A 194 -28.44 -11.26 10.15
C GLN A 194 -28.53 -10.28 8.98
N TRP A 195 -27.99 -10.66 7.82
CA TRP A 195 -28.00 -9.83 6.60
C TRP A 195 -28.90 -10.44 5.55
N GLU A 196 -29.81 -9.64 5.00
CA GLU A 196 -30.71 -10.13 3.97
C GLU A 196 -29.88 -10.61 2.76
N ASP A 197 -29.00 -9.74 2.26
CA ASP A 197 -28.16 -10.04 1.10
C ASP A 197 -26.81 -10.63 1.48
N GLY A 198 -26.74 -11.17 2.70
CA GLY A 198 -25.50 -11.66 3.26
C GLY A 198 -24.87 -12.81 2.50
N GLU A 199 -25.67 -13.59 1.81
CA GLU A 199 -25.11 -14.69 1.03
C GLU A 199 -24.23 -14.14 -0.08
N ALA A 200 -24.66 -13.02 -0.67
CA ALA A 200 -24.04 -12.50 -1.86
C ALA A 200 -23.00 -11.42 -1.53
N GLU A 201 -23.01 -10.94 -0.30
CA GLU A 201 -21.92 -10.07 0.15
C GLU A 201 -20.68 -10.93 0.31
N LEU A 202 -20.87 -12.07 0.95
CA LEU A 202 -19.82 -13.07 1.18
C LEU A 202 -19.19 -13.56 -0.12
N ALA A 203 -20.00 -13.59 -1.17
CA ALA A 203 -19.51 -13.99 -2.48
C ALA A 203 -18.40 -13.06 -2.97
N LEU A 204 -18.46 -11.79 -2.56
CA LEU A 204 -17.46 -10.84 -3.02
C LEU A 204 -16.09 -11.19 -2.44
N TYR A 205 -16.07 -11.95 -1.35
CA TYR A 205 -14.82 -12.19 -0.65
C TYR A 205 -14.09 -13.44 -1.14
N GLN A 206 -14.48 -13.95 -2.29
CA GLN A 206 -13.88 -15.18 -2.86
C GLN A 206 -13.17 -14.94 -4.21
N PRO A 207 -11.91 -15.39 -4.34
CA PRO A 207 -11.23 -15.42 -5.64
C PRO A 207 -11.39 -16.77 -6.34
N ASP A 208 -10.87 -16.91 -7.56
CA ASP A 208 -10.84 -18.22 -8.22
C ASP A 208 -10.15 -18.18 -9.58
N ARG B 13 21.83 7.76 2.19
CA ARG B 13 23.05 8.11 2.87
C ARG B 13 22.98 9.47 3.49
N ASP B 14 22.57 9.52 4.74
CA ASP B 14 22.63 10.74 5.55
C ASP B 14 21.52 11.72 5.26
N GLY B 15 20.75 11.44 4.22
CA GLY B 15 19.64 12.28 3.85
C GLY B 15 18.45 11.54 4.37
N LEU B 16 18.70 10.37 4.91
CA LEU B 16 17.64 9.59 5.53
C LEU B 16 17.09 10.40 6.69
N SER B 17 17.99 10.89 7.54
CA SER B 17 17.64 11.67 8.73
C SER B 17 16.85 12.92 8.41
N ASN B 18 17.19 13.57 7.30
CA ASN B 18 16.54 14.79 6.92
C ASN B 18 15.18 14.53 6.28
N LEU B 19 15.16 13.63 5.30
CA LEU B 19 13.92 13.27 4.62
C LEU B 19 12.91 12.69 5.60
N ALA B 20 13.39 12.03 6.65
CA ALA B 20 12.52 11.35 7.60
C ALA B 20 11.64 12.29 8.45
N ARG B 21 11.96 13.58 8.45
CA ARG B 21 11.17 14.55 9.21
C ARG B 21 9.98 15.06 8.40
N ARG B 22 10.04 14.80 7.09
CA ARG B 22 8.95 15.14 6.17
C ARG B 22 7.74 14.21 6.35
N LEU B 23 7.95 13.12 7.09
CA LEU B 23 6.94 12.10 7.30
C LEU B 23 6.23 12.26 8.65
N ARG B 24 5.00 12.76 8.63
CA ARG B 24 4.28 12.90 9.90
C ARG B 24 3.05 12.00 10.01
N PHE B 25 2.77 11.57 11.24
CA PHE B 25 1.58 10.82 11.58
C PHE B 25 0.51 11.73 12.16
N ALA B 26 -0.63 11.83 11.46
CA ALA B 26 -1.70 12.73 11.87
C ALA B 26 -2.92 11.96 12.33
N MET B 27 -2.81 11.30 13.48
CA MET B 27 -3.85 10.38 13.93
C MET B 27 -5.21 11.04 14.15
N LYS B 28 -5.20 12.32 14.49
CA LYS B 28 -6.44 13.07 14.69
C LYS B 28 -7.30 12.96 13.45
N GLU B 29 -6.67 13.08 12.28
CA GLU B 29 -7.38 13.00 11.02
C GLU B 29 -7.15 11.64 10.34
N GLY B 30 -6.76 10.66 11.14
CA GLY B 30 -6.44 9.32 10.66
C GLY B 30 -5.63 9.31 9.38
N SER B 31 -4.51 10.03 9.36
CA SER B 31 -3.80 10.15 8.11
C SER B 31 -2.29 10.30 8.29
N ILE B 32 -1.55 9.81 7.32
CA ILE B 32 -0.10 9.79 7.38
C ILE B 32 0.39 10.61 6.20
N TRP B 33 1.36 11.48 6.42
CA TRP B 33 1.80 12.36 5.35
C TRP B 33 3.27 12.21 5.05
N LEU B 34 3.58 12.08 3.77
CA LEU B 34 4.95 12.19 3.29
C LEU B 34 5.03 13.46 2.47
N GLY B 35 5.60 14.51 3.06
CA GLY B 35 5.57 15.83 2.46
C GLY B 35 4.13 16.28 2.32
N GLU B 36 3.65 16.28 1.08
CA GLU B 36 2.27 16.69 0.78
C GLU B 36 1.44 15.54 0.22
N GLN B 37 2.01 14.34 0.21
CA GLN B 37 1.26 13.19 -0.26
C GLN B 37 0.63 12.45 0.92
N ARG B 38 -0.64 12.10 0.83
CA ARG B 38 -1.18 11.21 1.84
C ARG B 38 -0.74 9.75 1.60
N MET B 39 -0.23 9.09 2.64
CA MET B 39 0.19 7.69 2.56
C MET B 39 -0.69 6.78 3.41
N ILE B 40 -0.67 5.48 3.14
CA ILE B 40 -1.18 4.52 4.11
C ILE B 40 -0.11 3.47 4.46
N LEU B 41 -0.22 2.90 5.65
CA LEU B 41 0.53 1.70 5.97
C LEU B 41 -0.24 0.47 5.52
N LEU B 42 0.39 -0.33 4.65
CA LEU B 42 -0.25 -1.50 4.05
C LEU B 42 0.58 -2.75 4.30
N HIS B 43 -0.09 -3.82 4.70
CA HIS B 43 0.58 -5.09 4.95
C HIS B 43 1.14 -5.67 3.65
N THR B 44 2.42 -6.03 3.62
CA THR B 44 2.95 -6.63 2.40
C THR B 44 2.24 -7.94 2.07
N ALA B 45 1.81 -8.68 3.09
CA ALA B 45 1.06 -9.90 2.82
C ALA B 45 -0.19 -9.64 1.98
N ALA B 46 -0.97 -8.61 2.35
CA ALA B 46 -2.19 -8.27 1.60
C ALA B 46 -1.88 -7.86 0.19
N LEU B 47 -0.79 -7.12 0.02
CA LEU B 47 -0.32 -6.70 -1.31
C LEU B 47 0.13 -7.93 -2.07
N GLY B 48 0.81 -8.81 -1.35
CA GLY B 48 1.20 -10.08 -1.92
C GLY B 48 0.00 -10.86 -2.42
N ALA B 49 -1.12 -10.81 -1.68
CA ALA B 49 -2.29 -11.57 -2.11
C ALA B 49 -2.98 -10.94 -3.32
N LEU B 50 -2.93 -9.62 -3.47
CA LEU B 50 -3.50 -9.01 -4.67
C LEU B 50 -2.66 -9.31 -5.93
N ARG B 51 -1.34 -9.30 -5.77
CA ARG B 51 -0.41 -9.64 -6.84
C ARG B 51 -0.66 -11.05 -7.37
N LYS B 52 -0.90 -11.98 -6.46
CA LYS B 52 -1.21 -13.37 -6.80
C LYS B 52 -2.54 -13.50 -7.55
N GLU B 53 -3.60 -12.84 -7.08
CA GLU B 53 -4.87 -12.90 -7.81
C GLU B 53 -4.66 -12.36 -9.22
N LEU B 54 -4.01 -11.20 -9.33
CA LEU B 54 -3.73 -10.53 -10.60
C LEU B 54 -2.85 -11.35 -11.55
N VAL B 55 -1.76 -11.92 -11.06
CA VAL B 55 -0.97 -12.82 -11.88
C VAL B 55 -1.83 -14.03 -12.35
N ASP B 56 -2.56 -14.65 -11.43
CA ASP B 56 -3.33 -15.85 -11.75
C ASP B 56 -4.46 -15.60 -12.74
N THR B 57 -5.02 -14.39 -12.74
CA THR B 57 -6.18 -14.11 -13.58
C THR B 57 -5.93 -13.23 -14.81
N LEU B 58 -4.81 -12.51 -14.84
CA LEU B 58 -4.56 -11.58 -15.95
C LEU B 58 -3.30 -11.92 -16.73
N GLY B 59 -2.50 -12.83 -16.20
CA GLY B 59 -1.23 -13.14 -16.81
C GLY B 59 -0.08 -12.42 -16.12
N MET B 60 1.04 -13.14 -15.99
CA MET B 60 2.23 -12.66 -15.29
C MET B 60 2.73 -11.39 -15.93
N GLU B 61 2.68 -11.31 -17.25
CA GLU B 61 3.17 -10.11 -17.93
C GLU B 61 2.25 -8.93 -17.70
N ARG B 62 0.95 -9.20 -17.66
CA ARG B 62 -0.05 -8.15 -17.59
C ARG B 62 -0.10 -7.57 -16.17
N ALA B 63 0.22 -8.39 -15.18
CA ALA B 63 0.30 -7.90 -13.81
C ALA B 63 1.59 -7.08 -13.59
N ARG B 64 2.69 -7.54 -14.18
CA ARG B 64 3.97 -6.85 -14.06
C ARG B 64 3.82 -5.38 -14.43
N GLY B 65 3.09 -5.12 -15.50
CA GLY B 65 2.90 -3.76 -15.96
C GLY B 65 2.11 -2.92 -15.00
N LEU B 66 1.05 -3.50 -14.44
CA LEU B 66 0.19 -2.84 -13.47
C LEU B 66 0.97 -2.36 -12.24
N PHE B 67 1.90 -3.18 -11.76
CA PHE B 67 2.70 -2.83 -10.59
C PHE B 67 3.82 -1.86 -10.96
N MET B 68 4.47 -2.09 -12.10
CA MET B 68 5.44 -1.13 -12.61
C MET B 68 4.80 0.26 -12.65
N ARG B 69 3.61 0.34 -13.23
CA ARG B 69 2.93 1.64 -13.36
C ARG B 69 2.51 2.19 -12.00
N MET B 70 2.14 1.35 -11.06
CA MET B 70 1.85 1.87 -9.74
C MET B 70 3.14 2.41 -9.10
N GLY B 71 4.24 1.67 -9.26
CA GLY B 71 5.53 2.14 -8.80
C GLY B 71 5.89 3.47 -9.42
N PHE B 72 5.70 3.57 -10.73
CA PHE B 72 6.06 4.77 -11.48
C PHE B 72 5.39 6.00 -10.89
N HIS B 73 4.10 5.86 -10.53
CA HIS B 73 3.35 6.98 -9.97
C HIS B 73 3.87 7.36 -8.59
N SER B 74 4.22 6.36 -7.81
CA SER B 74 4.85 6.60 -6.53
C SER B 74 6.13 7.40 -6.70
N GLY B 75 6.97 7.00 -7.66
CA GLY B 75 8.28 7.60 -7.85
C GLY B 75 8.17 9.07 -8.24
N VAL B 76 7.26 9.36 -9.17
CA VAL B 76 7.02 10.69 -9.66
C VAL B 76 6.63 11.63 -8.53
N ARG B 77 6.08 11.06 -7.46
CA ARG B 77 5.57 11.90 -6.39
C ARG B 77 6.59 12.15 -5.32
N ASP B 78 7.52 11.21 -5.15
CA ASP B 78 8.64 11.47 -4.27
C ASP B 78 9.60 12.44 -4.95
N ALA B 79 9.70 12.39 -6.27
CA ALA B 79 10.50 13.36 -7.00
C ALA B 79 9.88 14.74 -6.89
N GLU B 80 8.56 14.82 -6.95
CA GLU B 80 7.85 16.08 -6.84
C GLU B 80 8.09 16.74 -5.49
N LEU B 81 8.27 15.92 -4.45
CA LEU B 81 8.51 16.42 -3.11
C LEU B 81 9.97 16.81 -2.93
N ALA B 82 10.87 16.01 -3.50
CA ALA B 82 12.30 16.27 -3.40
C ALA B 82 12.69 17.52 -4.19
N LYS B 83 11.77 17.99 -5.02
CA LYS B 83 12.02 19.17 -5.84
C LYS B 83 11.52 20.43 -5.15
N THR B 84 11.18 20.31 -3.88
CA THR B 84 10.68 21.44 -3.10
C THR B 84 11.73 21.91 -2.09
N MET B 85 12.61 21.01 -1.70
CA MET B 85 13.66 21.33 -0.74
C MET B 85 15.04 21.00 -1.31
N ARG B 86 15.36 21.59 -2.45
CA ARG B 86 16.65 21.36 -3.11
C ARG B 86 17.67 22.42 -2.69
N SER B 87 17.41 23.06 -1.55
CA SER B 87 18.31 24.09 -1.04
C SER B 87 19.73 23.56 -0.86
N GLY B 88 20.68 24.15 -1.59
CA GLY B 88 22.07 23.74 -1.51
C GLY B 88 22.22 22.23 -1.52
N HIS B 89 21.81 21.61 -2.63
CA HIS B 89 21.90 20.16 -2.77
C HIS B 89 22.37 19.92 -4.20
N SER B 90 23.52 19.26 -4.34
CA SER B 90 24.07 18.97 -5.65
C SER B 90 23.11 18.02 -6.35
N ASP B 91 23.32 17.83 -7.65
CA ASP B 91 22.46 16.96 -8.44
C ASP B 91 22.48 15.56 -7.83
N PHE B 92 23.65 15.12 -7.38
CA PHE B 92 23.73 13.84 -6.69
C PHE B 92 22.95 13.93 -5.39
N GLY B 93 22.90 15.15 -4.85
CA GLY B 93 22.09 15.42 -3.67
C GLY B 93 20.65 15.03 -3.90
N MET B 94 20.06 15.57 -4.96
CA MET B 94 18.66 15.36 -5.20
C MET B 94 18.36 13.91 -5.66
N LEU B 95 19.31 13.30 -6.35
CA LEU B 95 19.15 11.94 -6.84
C LEU B 95 19.05 10.96 -5.68
N GLU B 96 19.90 11.13 -4.68
CA GLU B 96 19.99 10.23 -3.54
C GLU B 96 18.72 10.21 -2.67
N MET B 97 17.88 11.23 -2.82
CA MET B 97 16.61 11.29 -2.10
C MET B 97 15.59 10.20 -2.49
N GLY B 98 15.68 9.70 -3.71
CA GLY B 98 14.82 8.61 -4.13
C GLY B 98 15.05 7.36 -3.29
N PRO B 99 16.28 6.85 -3.28
CA PRO B 99 16.62 5.66 -2.52
C PRO B 99 16.23 5.82 -1.05
N CYS B 100 16.48 6.99 -0.49
CA CYS B 100 16.12 7.26 0.90
C CYS B 100 14.62 7.14 1.12
N LEU B 101 13.85 7.74 0.24
CA LEU B 101 12.42 7.74 0.44
C LEU B 101 11.90 6.33 0.30
N HIS B 102 12.42 5.63 -0.66
CA HIS B 102 12.10 4.26 -0.88
C HIS B 102 12.44 3.42 0.33
N THR B 103 13.51 3.76 1.00
CA THR B 103 14.00 2.98 2.11
C THR B 103 13.20 3.33 3.32
N ILE B 104 12.99 4.60 3.45
CA ILE B 104 12.21 5.15 4.55
C ILE B 104 10.81 4.58 4.56
N GLU B 105 10.18 4.51 3.39
CA GLU B 105 8.83 3.97 3.28
C GLU B 105 8.78 2.54 3.77
N GLY B 106 9.87 1.81 3.58
CA GLY B 106 9.96 0.43 4.02
C GLY B 106 9.88 -0.51 2.85
N VAL B 107 10.00 0.03 1.65
CA VAL B 107 9.94 -0.80 0.46
C VAL B 107 11.20 -1.65 0.28
N VAL B 108 12.38 -1.03 0.41
CA VAL B 108 13.65 -1.73 0.23
C VAL B 108 14.81 -0.93 0.84
N ARG B 109 15.88 -1.60 1.25
CA ARG B 109 17.08 -0.89 1.68
C ARG B 109 17.99 -0.69 0.47
N VAL B 110 18.24 0.56 0.14
CA VAL B 110 18.88 0.84 -1.14
C VAL B 110 20.31 1.32 -0.97
N THR B 111 21.25 0.64 -1.61
CA THR B 111 22.65 1.08 -1.61
C THR B 111 23.06 1.67 -2.98
N PRO B 112 23.21 3.00 -3.04
CA PRO B 112 23.79 3.55 -4.27
C PRO B 112 25.20 3.01 -4.49
N LEU B 113 25.45 2.48 -5.68
CA LEU B 113 26.77 2.01 -6.03
C LEU B 113 27.69 2.95 -6.80
N THR B 114 27.25 3.35 -7.98
CA THR B 114 27.98 4.35 -8.74
C THR B 114 26.88 5.20 -9.37
N VAL B 115 26.83 6.46 -8.97
CA VAL B 115 25.88 7.41 -9.55
C VAL B 115 26.55 8.49 -10.40
N ASP B 116 26.11 8.62 -11.64
CA ASP B 116 26.60 9.66 -12.53
C ASP B 116 25.42 10.48 -13.05
N ILE B 117 25.20 11.65 -12.48
CA ILE B 117 24.10 12.49 -12.91
C ILE B 117 24.47 13.94 -13.16
N ASN B 118 23.98 14.47 -14.27
CA ASN B 118 23.98 15.90 -14.50
C ASN B 118 22.67 16.26 -15.21
N ILE B 119 21.75 16.84 -14.46
CA ILE B 119 20.40 17.04 -15.00
C ILE B 119 20.44 17.95 -16.21
N ALA B 120 21.23 19.02 -16.11
CA ALA B 120 21.30 20.05 -17.16
C ALA B 120 21.78 19.49 -18.48
N ALA B 121 22.61 18.47 -18.42
CA ALA B 121 23.25 17.98 -19.63
C ALA B 121 22.57 16.73 -20.17
N GLY B 122 21.63 16.18 -19.40
CA GLY B 122 20.95 14.96 -19.79
C GLY B 122 21.73 13.71 -19.43
N VAL B 123 22.65 13.87 -18.49
CA VAL B 123 23.54 12.80 -18.08
C VAL B 123 22.94 12.01 -16.94
N TYR B 124 22.81 10.69 -17.14
CA TYR B 124 22.43 9.79 -16.06
C TYR B 124 22.70 8.31 -16.32
N HIS B 125 23.46 7.73 -15.39
CA HIS B 125 23.84 6.32 -15.38
C HIS B 125 23.93 5.91 -13.92
N GLY B 126 22.94 5.19 -13.44
CA GLY B 126 22.91 4.77 -12.05
C GLY B 126 22.83 3.25 -11.88
N GLU B 127 23.64 2.74 -10.96
CA GLU B 127 23.52 1.36 -10.55
C GLU B 127 23.31 1.34 -9.05
N PHE B 128 22.44 0.43 -8.61
CA PHE B 128 22.03 0.38 -7.22
C PHE B 128 21.94 -1.04 -6.72
N LEU B 129 22.20 -1.21 -5.43
CA LEU B 129 22.06 -2.49 -4.76
C LEU B 129 20.78 -2.51 -3.92
N TRP B 130 19.99 -3.56 -4.10
CA TRP B 130 18.75 -3.77 -3.35
C TRP B 130 18.89 -4.97 -2.44
N GLU B 131 18.80 -4.73 -1.14
CA GLU B 131 18.64 -5.84 -0.22
C GLU B 131 17.25 -5.79 0.41
N ASP B 132 16.71 -6.96 0.74
CA ASP B 132 15.45 -7.05 1.45
C ASP B 132 14.30 -6.42 0.67
N SER B 133 14.28 -6.67 -0.64
CA SER B 133 13.17 -6.20 -1.45
C SER B 133 11.91 -6.85 -0.91
N PHE B 134 11.00 -6.06 -0.39
CA PHE B 134 9.76 -6.59 0.13
C PHE B 134 9.13 -7.40 -0.99
N GLU B 135 9.17 -6.82 -2.17
CA GLU B 135 8.51 -7.39 -3.34
C GLU B 135 9.08 -8.75 -3.75
N GLY B 136 10.41 -8.81 -3.89
CA GLY B 136 11.10 -10.04 -4.22
C GLY B 136 10.91 -11.01 -3.09
N ASP B 137 11.02 -10.52 -1.86
CA ASP B 137 10.74 -11.33 -0.67
C ASP B 137 9.23 -11.46 -0.41
N VAL B 138 8.40 -11.24 -1.43
CA VAL B 138 6.96 -11.49 -1.36
C VAL B 138 6.57 -12.39 -2.53
N HIS B 139 7.15 -12.11 -3.69
CA HIS B 139 7.01 -13.01 -4.83
C HIS B 139 7.71 -14.33 -4.51
N ARG B 140 8.60 -14.31 -3.52
CA ARG B 140 9.27 -15.52 -3.06
C ARG B 140 8.27 -16.51 -2.45
N GLN B 141 7.32 -16.00 -1.66
CA GLN B 141 6.43 -16.83 -0.85
C GLN B 141 5.04 -17.02 -1.44
N MET B 142 4.85 -16.64 -2.68
CA MET B 142 3.56 -16.78 -3.32
C MET B 142 3.70 -17.62 -4.58
N PHE B 143 4.84 -17.47 -5.27
CA PHE B 143 5.12 -18.20 -6.50
C PHE B 143 6.46 -18.91 -6.43
N GLY B 144 6.98 -19.10 -5.21
CA GLY B 144 8.27 -19.73 -5.03
C GLY B 144 9.32 -18.98 -5.83
N VAL B 145 10.46 -19.62 -6.08
CA VAL B 145 11.50 -18.98 -6.88
C VAL B 145 10.95 -18.70 -8.26
N ALA B 146 11.21 -17.50 -8.75
CA ALA B 146 10.78 -17.11 -10.08
C ALA B 146 11.94 -17.34 -11.04
N GLN B 147 11.73 -17.00 -12.30
CA GLN B 147 12.78 -17.12 -13.31
C GLN B 147 13.31 -15.73 -13.71
N ALA B 148 12.39 -14.82 -14.00
CA ALA B 148 12.75 -13.46 -14.37
C ALA B 148 12.53 -12.52 -13.20
N PRO B 149 13.24 -11.37 -13.19
CA PRO B 149 13.25 -10.37 -12.11
C PRO B 149 11.83 -9.95 -11.72
N VAL B 150 11.54 -9.85 -10.42
CA VAL B 150 10.15 -9.73 -9.95
C VAL B 150 9.82 -8.54 -9.03
N CYS B 151 10.72 -7.57 -8.95
CA CYS B 151 10.46 -6.37 -8.15
C CYS B 151 9.89 -5.25 -9.03
N TRP B 152 8.81 -5.60 -9.70
CA TRP B 152 8.09 -4.71 -10.63
C TRP B 152 7.85 -3.31 -10.06
N MET B 153 7.08 -3.24 -8.99
CA MET B 153 6.68 -1.97 -8.40
C MET B 153 7.89 -1.13 -7.98
N GLN B 154 8.93 -1.82 -7.53
CA GLN B 154 10.13 -1.15 -7.05
C GLN B 154 10.88 -0.50 -8.19
N ILE B 155 10.95 -1.18 -9.32
CA ILE B 155 11.69 -0.69 -10.46
C ILE B 155 10.93 0.47 -11.11
N GLY B 156 9.62 0.29 -11.28
CA GLY B 156 8.76 1.39 -11.68
C GLY B 156 9.03 2.60 -10.83
N TYR B 157 9.24 2.41 -9.53
CA TYR B 157 9.50 3.56 -8.67
C TYR B 157 10.77 4.35 -9.11
N ALA B 158 11.92 3.68 -9.16
CA ALA B 158 13.15 4.32 -9.64
C ALA B 158 12.92 5.04 -10.97
N THR B 159 12.27 4.36 -11.89
CA THR B 159 12.05 4.89 -13.22
C THR B 159 11.26 6.20 -13.13
N GLY B 160 10.10 6.18 -12.49
CA GLY B 160 9.31 7.37 -12.31
C GLY B 160 10.07 8.45 -11.57
N TYR B 161 10.84 8.09 -10.55
CA TYR B 161 11.54 9.11 -9.78
C TYR B 161 12.58 9.88 -10.58
N THR B 162 13.46 9.12 -11.24
CA THR B 162 14.57 9.72 -11.97
C THR B 162 14.12 10.40 -13.26
N SER B 163 13.18 9.79 -13.98
CA SER B 163 12.62 10.45 -15.16
C SER B 163 11.97 11.78 -14.81
N ALA B 164 11.37 11.89 -13.62
CA ALA B 164 10.73 13.14 -13.23
C ALA B 164 11.82 14.11 -12.88
N LEU B 165 12.88 13.58 -12.30
CA LEU B 165 14.02 14.38 -11.91
C LEU B 165 14.81 14.93 -13.10
N MET B 166 14.98 14.10 -14.13
CA MET B 166 15.79 14.48 -15.28
C MET B 166 15.00 15.20 -16.37
N GLY B 167 13.67 15.13 -16.30
CA GLY B 167 12.85 15.67 -17.36
C GLY B 167 12.99 14.88 -18.64
N LYS B 168 13.41 13.63 -18.55
CA LYS B 168 13.48 12.78 -19.73
C LYS B 168 13.35 11.31 -19.32
N THR B 169 13.25 10.41 -20.30
CA THR B 169 12.98 9.00 -20.03
C THR B 169 14.21 8.23 -19.55
N ILE B 170 14.23 7.95 -18.25
CA ILE B 170 15.21 7.06 -17.65
C ILE B 170 14.53 5.76 -17.25
N LEU B 171 14.87 4.66 -17.93
CA LEU B 171 14.37 3.33 -17.57
C LEU B 171 15.34 2.59 -16.65
N TYR B 172 14.79 1.88 -15.67
CA TYR B 172 15.61 0.99 -14.87
C TYR B 172 15.32 -0.44 -15.21
N ARG B 173 16.31 -1.30 -14.98
CA ARG B 173 16.11 -2.74 -15.07
C ARG B 173 16.88 -3.45 -13.97
N GLU B 174 16.37 -4.59 -13.55
CA GLU B 174 17.04 -5.43 -12.58
C GLU B 174 18.05 -6.32 -13.27
N LEU B 175 19.26 -6.36 -12.73
CA LEU B 175 20.29 -7.27 -13.23
C LEU B 175 20.31 -8.54 -12.37
N GLU B 176 20.32 -8.37 -11.06
CA GLU B 176 20.06 -9.48 -10.16
C GLU B 176 18.83 -9.18 -9.33
N CYS B 177 18.23 -10.25 -8.79
CA CYS B 177 17.00 -10.15 -8.00
C CYS B 177 16.74 -11.42 -7.19
N VAL B 178 16.59 -11.23 -5.87
CA VAL B 178 16.26 -12.29 -4.92
C VAL B 178 15.12 -13.21 -5.36
N GLY B 179 14.19 -12.70 -6.16
CA GLY B 179 13.06 -13.49 -6.63
C GLY B 179 13.47 -14.46 -7.71
N CYS B 180 14.72 -14.34 -8.16
CA CYS B 180 15.28 -15.30 -9.10
C CYS B 180 16.20 -16.21 -8.30
N GLY B 181 16.45 -15.81 -7.06
CA GLY B 181 17.18 -16.64 -6.12
C GLY B 181 18.62 -16.26 -5.91
N HIS B 182 18.97 -15.02 -6.27
CA HIS B 182 20.32 -14.53 -6.02
C HIS B 182 20.34 -13.87 -4.66
N PRO B 183 21.53 -13.73 -4.07
CA PRO B 183 21.67 -13.13 -2.74
C PRO B 183 20.90 -11.83 -2.63
N HIS B 184 21.02 -11.01 -3.67
CA HIS B 184 20.55 -9.62 -3.67
C HIS B 184 19.93 -9.24 -5.00
N CYS B 185 19.32 -8.06 -5.04
CA CYS B 185 18.88 -7.44 -6.28
C CYS B 185 19.89 -6.36 -6.67
N ARG B 186 20.04 -6.12 -7.97
CA ARG B 186 20.90 -5.02 -8.43
C ARG B 186 20.27 -4.33 -9.65
N ILE B 187 20.32 -3.00 -9.70
CA ILE B 187 19.60 -2.33 -10.78
C ILE B 187 20.45 -1.37 -11.59
N LEU B 188 20.05 -1.17 -12.84
CA LEU B 188 20.73 -0.20 -13.69
C LEU B 188 19.75 0.78 -14.31
N GLY B 189 19.92 2.06 -14.01
CA GLY B 189 19.07 3.07 -14.63
C GLY B 189 19.89 3.86 -15.63
N LYS B 190 19.27 4.28 -16.73
CA LYS B 190 19.92 5.10 -17.76
C LYS B 190 18.89 5.46 -18.83
N PRO B 191 19.20 6.48 -19.64
CA PRO B 191 18.28 7.00 -20.67
C PRO B 191 17.75 5.92 -21.60
N LEU B 192 16.54 6.10 -22.09
CA LEU B 192 15.86 5.14 -22.97
C LEU B 192 16.70 4.62 -24.15
N GLU B 193 17.55 5.52 -24.67
CA GLU B 193 18.36 5.35 -25.88
C GLU B 193 19.53 4.36 -25.70
N GLN B 194 19.84 4.05 -24.45
CA GLN B 194 20.99 3.21 -24.18
C GLN B 194 20.55 1.83 -23.71
N TRP B 195 19.29 1.51 -23.97
CA TRP B 195 18.77 0.15 -23.71
C TRP B 195 18.50 -0.59 -25.02
N GLU B 196 19.02 -1.81 -25.11
CA GLU B 196 18.72 -2.69 -26.23
C GLU B 196 17.21 -2.81 -26.49
N ASP B 197 16.47 -3.02 -25.43
CA ASP B 197 15.04 -3.29 -25.54
C ASP B 197 14.24 -2.11 -25.02
N GLY B 198 14.93 -0.96 -24.93
CA GLY B 198 14.38 0.23 -24.32
C GLY B 198 12.98 0.62 -24.73
N GLU B 199 12.67 0.48 -26.02
CA GLU B 199 11.38 0.96 -26.50
C GLU B 199 10.27 -0.01 -26.10
N ALA B 200 10.59 -1.29 -26.01
CA ALA B 200 9.61 -2.27 -25.53
C ALA B 200 9.48 -2.18 -24.01
N GLU B 201 10.52 -1.62 -23.39
CA GLU B 201 10.52 -1.40 -21.95
C GLU B 201 9.66 -0.20 -21.59
N LEU B 202 9.78 0.86 -22.37
CA LEU B 202 9.01 2.06 -22.10
C LEU B 202 7.51 1.79 -22.29
N ALA B 203 7.22 0.71 -23.01
CA ALA B 203 5.85 0.36 -23.37
C ALA B 203 5.07 -0.18 -22.18
N LEU B 204 5.77 -0.82 -21.25
CA LEU B 204 5.14 -1.35 -20.05
C LEU B 204 4.56 -0.23 -19.17
N TYR B 205 5.03 1.00 -19.37
CA TYR B 205 4.62 2.12 -18.52
C TYR B 205 3.36 2.78 -19.06
N GLN B 206 2.79 2.16 -20.08
CA GLN B 206 1.55 2.61 -20.69
C GLN B 206 0.44 1.61 -20.40
N PRO B 207 -0.73 2.12 -20.00
CA PRO B 207 -1.88 1.28 -19.59
C PRO B 207 -2.68 0.72 -20.77
N ASP B 208 -3.07 -0.55 -20.67
CA ASP B 208 -3.91 -1.21 -21.66
C ASP B 208 -5.34 -1.33 -21.11
#